data_8TFY
#
_entry.id   8TFY
#
_cell.length_a   38.671
_cell.length_b   44.531
_cell.length_c   124.808
_cell.angle_alpha   90.00
_cell.angle_beta   90.00
_cell.angle_gamma   90.00
#
_symmetry.space_group_name_H-M   'P 21 21 21'
#
loop_
_entity.id
_entity.type
_entity.pdbx_description
1 polymer "Probable RNA 2'-phosphotransferase"
2 non-polymer 'NADP NICOTINAMIDE-ADENINE-DINUCLEOTIDE PHOSPHATE'
3 non-polymer 'CHLORIDE ION'
4 water water
#
_entity_poly.entity_id   1
_entity_poly.type   'polypeptide(L)'
_entity_poly.pdbx_seq_one_letter_code
;SRFKVSKLMAYILRHSPWEFGLEPDEEGFVSIEELVNAVRKVYPWVTEEYIREIVERDEKGRYEIRGNKIRARYGHSYPV
ILRHEEDKESKVLYHGTVRRNLKGIMREGIKPMKRQYVHLSINYEDAYNTGMRHGEDVVVLIIDAECLRNKGYKILKAGK
KVRIVKHVPVDCISGIL
;
_entity_poly.pdbx_strand_id   A
#
loop_
_chem_comp.id
_chem_comp.type
_chem_comp.name
_chem_comp.formula
CL non-polymer 'CHLORIDE ION' 'Cl -1'
NAP non-polymer 'NADP NICOTINAMIDE-ADENINE-DINUCLEOTIDE PHOSPHATE' 'C21 H28 N7 O17 P3'
#
# COMPACT_ATOMS: atom_id res chain seq x y z
N SER A 1 6.70 -17.10 -14.12
CA SER A 1 6.44 -17.32 -12.70
C SER A 1 5.47 -16.31 -12.12
N ARG A 2 4.80 -16.72 -11.04
CA ARG A 2 3.91 -15.79 -10.32
C ARG A 2 4.64 -14.52 -9.90
N PHE A 3 5.88 -14.65 -9.44
CA PHE A 3 6.61 -13.47 -8.98
C PHE A 3 6.85 -12.47 -10.12
N LYS A 4 7.35 -12.94 -11.27
CA LYS A 4 7.63 -12.03 -12.36
C LYS A 4 6.37 -11.33 -12.86
N VAL A 5 5.30 -12.10 -13.05
CA VAL A 5 4.07 -11.49 -13.55
C VAL A 5 3.48 -10.55 -12.51
N SER A 6 3.53 -10.93 -11.23
CA SER A 6 2.99 -10.04 -10.19
C SER A 6 3.78 -8.75 -10.12
N LYS A 7 5.10 -8.82 -10.26
CA LYS A 7 5.90 -7.59 -10.24
C LYS A 7 5.50 -6.67 -11.37
N LEU A 8 5.26 -7.25 -12.56
CA LEU A 8 4.79 -6.42 -13.68
C LEU A 8 3.39 -5.86 -13.40
N MET A 9 2.50 -6.68 -12.84
CA MET A 9 1.15 -6.20 -12.55
C MET A 9 1.24 -5.00 -11.61
N ALA A 10 2.09 -5.11 -10.59
CA ALA A 10 2.21 -4.02 -9.60
C ALA A 10 2.77 -2.76 -10.26
N TYR A 11 3.73 -2.92 -11.16
CA TYR A 11 4.25 -1.76 -11.89
C TYR A 11 3.16 -1.09 -12.73
N ILE A 12 2.38 -1.88 -13.46
CA ILE A 12 1.33 -1.33 -14.32
C ILE A 12 0.24 -0.65 -13.50
N LEU A 13 -0.20 -1.30 -12.42
CA LEU A 13 -1.35 -0.82 -11.66
C LEU A 13 -0.99 0.30 -10.70
N ARG A 14 0.24 0.34 -10.19
CA ARG A 14 0.65 1.39 -9.26
C ARG A 14 1.31 2.58 -9.92
N HIS A 15 2.03 2.36 -11.04
CA HIS A 15 2.97 3.38 -11.49
C HIS A 15 2.82 3.80 -12.93
N SER A 16 2.59 2.88 -13.87
CA SER A 16 2.67 3.25 -15.28
C SER A 16 1.61 2.56 -16.12
N PRO A 17 0.32 2.78 -15.80
CA PRO A 17 -0.72 2.15 -16.63
C PRO A 17 -0.86 2.75 -18.02
N TRP A 18 -0.65 4.06 -18.17
CA TRP A 18 -0.82 4.70 -19.47
C TRP A 18 0.21 4.20 -20.49
N GLU A 19 1.41 3.85 -20.03
CA GLU A 19 2.44 3.26 -20.90
C GLU A 19 1.95 2.00 -21.59
N PHE A 20 1.03 1.27 -20.94
CA PHE A 20 0.49 0.03 -21.49
C PHE A 20 -0.89 0.23 -22.13
N GLY A 21 -1.32 1.48 -22.31
CA GLY A 21 -2.59 1.77 -22.93
C GLY A 21 -3.78 1.67 -22.01
N LEU A 22 -3.56 1.64 -20.70
CA LEU A 22 -4.63 1.52 -19.72
C LEU A 22 -4.92 2.86 -19.07
N GLU A 23 -6.20 3.11 -18.83
CA GLU A 23 -6.68 4.35 -18.20
C GLU A 23 -7.38 4.01 -16.90
N PRO A 24 -6.73 4.13 -15.75
CA PRO A 24 -7.39 3.79 -14.48
C PRO A 24 -8.49 4.79 -14.17
N ASP A 25 -9.53 4.31 -13.49
CA ASP A 25 -10.56 5.23 -13.00
C ASP A 25 -10.05 5.88 -11.71
N GLU A 26 -10.89 6.74 -11.13
CA GLU A 26 -10.45 7.52 -9.96
C GLU A 26 -10.08 6.65 -8.77
N GLU A 27 -10.54 5.40 -8.74
CA GLU A 27 -10.27 4.48 -7.63
C GLU A 27 -9.10 3.54 -7.93
N GLY A 28 -8.41 3.74 -9.07
CA GLY A 28 -7.29 2.91 -9.44
C GLY A 28 -7.64 1.67 -10.24
N PHE A 29 -8.90 1.47 -10.61
CA PHE A 29 -9.30 0.24 -11.30
C PHE A 29 -9.05 0.34 -12.80
N VAL A 30 -8.62 -0.77 -13.39
CA VAL A 30 -8.57 -0.92 -14.85
C VAL A 30 -9.33 -2.18 -15.21
N SER A 31 -9.67 -2.29 -16.49
CA SER A 31 -10.29 -3.52 -16.97
C SER A 31 -9.31 -4.68 -16.85
N ILE A 32 -9.76 -5.79 -16.27
CA ILE A 32 -8.87 -6.94 -16.14
C ILE A 32 -8.59 -7.57 -17.50
N GLU A 33 -9.55 -7.51 -18.43
CA GLU A 33 -9.27 -8.03 -19.77
C GLU A 33 -8.20 -7.18 -20.47
N GLU A 34 -8.26 -5.86 -20.30
CA GLU A 34 -7.20 -5.04 -20.88
C GLU A 34 -5.88 -5.26 -20.17
N LEU A 35 -5.90 -5.52 -18.85
CA LEU A 35 -4.66 -5.82 -18.15
C LEU A 35 -4.02 -7.10 -18.68
N VAL A 36 -4.85 -8.12 -18.98
CA VAL A 36 -4.29 -9.33 -19.57
C VAL A 36 -3.61 -9.01 -20.89
N ASN A 37 -4.29 -8.22 -21.74
CA ASN A 37 -3.68 -7.85 -23.01
C ASN A 37 -2.36 -7.09 -22.82
N ALA A 38 -2.31 -6.22 -21.81
CA ALA A 38 -1.08 -5.47 -21.52
C ALA A 38 0.05 -6.41 -21.08
N VAL A 39 -0.24 -7.28 -20.12
CA VAL A 39 0.76 -8.20 -19.59
C VAL A 39 1.25 -9.15 -20.68
N ARG A 40 0.37 -9.55 -21.61
CA ARG A 40 0.77 -10.48 -22.67
C ARG A 40 1.77 -9.84 -23.64
N LYS A 41 1.95 -8.51 -23.61
CA LYS A 41 3.02 -7.90 -24.40
C LYS A 41 4.39 -8.32 -23.90
N VAL A 42 4.49 -8.66 -22.62
CA VAL A 42 5.75 -9.13 -22.04
C VAL A 42 5.75 -10.65 -21.87
N TYR A 43 4.64 -11.21 -21.38
CA TYR A 43 4.52 -12.63 -21.02
C TYR A 43 3.31 -13.19 -21.76
N PRO A 44 3.50 -13.65 -23.00
CA PRO A 44 2.33 -13.96 -23.85
C PRO A 44 1.50 -15.15 -23.37
N TRP A 45 2.02 -15.98 -22.49
CA TRP A 45 1.32 -17.16 -21.97
C TRP A 45 0.34 -16.82 -20.83
N VAL A 46 0.28 -15.57 -20.39
CA VAL A 46 -0.60 -15.22 -19.28
C VAL A 46 -2.05 -15.23 -19.74
N THR A 47 -2.95 -15.64 -18.84
CA THR A 47 -4.38 -15.70 -19.05
C THR A 47 -5.09 -14.91 -17.95
N GLU A 48 -6.36 -14.59 -18.21
CA GLU A 48 -7.18 -13.94 -17.18
C GLU A 48 -7.28 -14.82 -15.94
N GLU A 49 -7.45 -16.13 -16.13
CA GLU A 49 -7.49 -17.05 -15.01
C GLU A 49 -6.22 -16.96 -14.18
N TYR A 50 -5.07 -16.81 -14.84
CA TYR A 50 -3.81 -16.70 -14.13
C TYR A 50 -3.75 -15.43 -13.30
N ILE A 51 -4.19 -14.31 -13.87
CA ILE A 51 -4.18 -13.06 -13.11
CA ILE A 51 -4.20 -13.06 -13.12
C ILE A 51 -5.12 -13.17 -11.91
N ARG A 52 -6.30 -13.77 -12.10
CA ARG A 52 -7.21 -13.94 -10.98
C ARG A 52 -6.60 -14.82 -9.91
N GLU A 53 -5.88 -15.87 -10.31
CA GLU A 53 -5.18 -16.72 -9.35
C GLU A 53 -4.11 -15.94 -8.58
N ILE A 54 -3.36 -15.09 -9.27
CA ILE A 54 -2.36 -14.26 -8.59
C ILE A 54 -3.02 -13.40 -7.54
N VAL A 55 -4.16 -12.78 -7.89
CA VAL A 55 -4.86 -11.95 -6.91
C VAL A 55 -5.28 -12.77 -5.69
N GLU A 56 -5.87 -13.95 -5.93
CA GLU A 56 -6.37 -14.78 -4.84
C GLU A 56 -5.24 -15.29 -3.94
N ARG A 57 -4.08 -15.61 -4.51
CA ARG A 57 -2.97 -16.20 -3.77
C ARG A 57 -2.00 -15.19 -3.15
N ASP A 58 -2.12 -13.90 -3.48
CA ASP A 58 -1.12 -12.94 -3.04
C ASP A 58 -1.07 -12.84 -1.52
N GLU A 59 0.16 -12.97 -0.98
CA GLU A 59 0.37 -13.09 0.46
C GLU A 59 0.14 -11.77 1.21
N LYS A 60 0.21 -10.63 0.51
CA LYS A 60 -0.01 -9.35 1.16
C LYS A 60 -1.38 -8.75 0.88
N GLY A 61 -2.18 -9.40 0.03
CA GLY A 61 -3.41 -8.75 -0.43
C GLY A 61 -3.12 -7.55 -1.29
N ARG A 62 -2.14 -7.64 -2.19
CA ARG A 62 -1.76 -6.50 -3.02
C ARG A 62 -2.87 -6.02 -3.94
N TYR A 63 -3.76 -6.91 -4.37
CA TYR A 63 -4.69 -6.59 -5.45
C TYR A 63 -6.13 -6.78 -5.01
N GLU A 64 -7.03 -6.16 -5.76
CA GLU A 64 -8.46 -6.30 -5.54
C GLU A 64 -9.16 -6.41 -6.89
N ILE A 65 -10.05 -7.40 -7.04
CA ILE A 65 -10.90 -7.52 -8.22
C ILE A 65 -12.35 -7.31 -7.83
N ARG A 66 -13.05 -6.47 -8.57
CA ARG A 66 -14.50 -6.31 -8.43
C ARG A 66 -15.10 -6.41 -9.82
N GLY A 67 -15.82 -7.49 -10.06
CA GLY A 67 -16.36 -7.73 -11.39
C GLY A 67 -15.25 -7.88 -12.40
N ASN A 68 -15.26 -6.99 -13.38
CA ASN A 68 -14.27 -6.93 -14.45
C ASN A 68 -13.13 -5.96 -14.17
N LYS A 69 -13.08 -5.38 -12.98
CA LYS A 69 -12.15 -4.31 -12.65
C LYS A 69 -11.09 -4.84 -11.69
N ILE A 70 -9.84 -4.44 -11.91
CA ILE A 70 -8.75 -4.84 -11.03
C ILE A 70 -7.93 -3.62 -10.63
N ARG A 71 -7.47 -3.59 -9.39
CA ARG A 71 -6.57 -2.53 -8.96
C ARG A 71 -5.52 -3.07 -8.01
N ALA A 72 -4.46 -2.30 -7.85
CA ALA A 72 -3.61 -2.41 -6.67
C ALA A 72 -4.32 -1.72 -5.51
N ARG A 73 -4.24 -2.33 -4.32
CA ARG A 73 -4.89 -1.74 -3.16
C ARG A 73 -4.07 -0.64 -2.50
N TYR A 74 -2.77 -0.57 -2.75
CA TYR A 74 -1.92 0.44 -2.13
C TYR A 74 -0.69 0.63 -3.01
N GLY A 75 0.09 1.65 -2.68
CA GLY A 75 1.38 1.82 -3.30
C GLY A 75 1.40 2.64 -4.58
N HIS A 76 0.27 3.24 -4.95
CA HIS A 76 0.22 4.04 -6.17
C HIS A 76 1.14 5.24 -6.07
N SER A 77 1.72 5.62 -7.21
CA SER A 77 2.42 6.88 -7.35
C SER A 77 1.64 7.92 -8.15
N TYR A 78 0.36 7.68 -8.41
CA TYR A 78 -0.56 8.63 -9.02
C TYR A 78 -1.79 8.75 -8.14
N PRO A 79 -2.57 9.82 -8.29
CA PRO A 79 -3.69 10.06 -7.35
C PRO A 79 -4.79 9.04 -7.50
N VAL A 80 -5.25 8.52 -6.36
CA VAL A 80 -6.39 7.60 -6.30
C VAL A 80 -7.20 7.92 -5.05
N ILE A 81 -8.49 7.59 -5.08
CA ILE A 81 -9.30 7.58 -3.87
C ILE A 81 -9.55 6.12 -3.52
N LEU A 82 -9.09 5.72 -2.33
CA LEU A 82 -9.15 4.35 -1.87
C LEU A 82 -10.18 4.27 -0.74
N ARG A 83 -11.38 3.82 -1.09
CA ARG A 83 -12.48 3.69 -0.15
C ARG A 83 -12.48 2.32 0.52
N HIS A 84 -11.32 1.93 1.05
CA HIS A 84 -11.18 0.65 1.72
C HIS A 84 -11.95 0.63 3.03
N GLU A 85 -12.27 -0.59 3.47
CA GLU A 85 -12.95 -0.77 4.75
C GLU A 85 -12.07 -0.26 5.89
N GLU A 86 -12.71 0.33 6.88
CA GLU A 86 -11.99 0.95 7.98
C GLU A 86 -11.50 -0.12 8.95
N ASP A 87 -10.25 0.04 9.41
CA ASP A 87 -9.74 -0.75 10.52
C ASP A 87 -10.19 -0.10 11.81
N LYS A 88 -11.17 -0.70 12.48
CA LYS A 88 -11.64 -0.18 13.76
C LYS A 88 -11.10 -0.98 14.95
N GLU A 89 -10.40 -2.08 14.69
CA GLU A 89 -9.97 -3.01 15.74
C GLU A 89 -8.54 -2.82 16.22
N SER A 90 -7.61 -2.41 15.37
CA SER A 90 -6.22 -2.32 15.78
C SER A 90 -6.05 -1.27 16.86
N LYS A 91 -5.34 -1.63 17.92
CA LYS A 91 -4.95 -0.69 18.96
C LYS A 91 -3.57 -0.08 18.71
N VAL A 92 -2.66 -0.86 18.13
CA VAL A 92 -1.28 -0.45 17.91
C VAL A 92 -0.93 -0.80 16.47
N LEU A 93 -0.26 0.14 15.79
CA LEU A 93 0.30 -0.12 14.46
C LEU A 93 1.77 0.30 14.45
N TYR A 94 2.45 0.02 13.34
CA TYR A 94 3.88 0.24 13.25
C TYR A 94 4.24 0.97 11.96
N HIS A 95 5.27 1.82 12.03
CA HIS A 95 5.77 2.53 10.86
C HIS A 95 7.29 2.38 10.80
N GLY A 96 7.78 1.75 9.74
CA GLY A 96 9.22 1.61 9.54
C GLY A 96 9.82 2.82 8.85
N THR A 97 10.91 3.34 9.42
CA THR A 97 11.57 4.46 8.79
C THR A 97 13.07 4.31 9.07
N VAL A 98 13.83 5.37 8.79
CA VAL A 98 15.26 5.39 9.08
C VAL A 98 15.54 6.45 10.14
N ARG A 99 16.64 6.23 10.89
CA ARG A 99 16.95 7.06 12.06
C ARG A 99 17.06 8.54 11.70
N ARG A 100 17.62 8.83 10.52
CA ARG A 100 17.79 10.22 10.07
C ARG A 100 16.47 10.97 9.99
N ASN A 101 15.32 10.29 9.93
CA ASN A 101 14.03 10.96 9.85
C ASN A 101 13.43 11.31 11.20
N LEU A 102 14.00 10.79 12.31
CA LEU A 102 13.38 11.00 13.62
C LEU A 102 13.26 12.48 13.96
N LYS A 103 14.31 13.26 13.69
CA LYS A 103 14.26 14.68 14.00
C LYS A 103 13.02 15.31 13.40
N GLY A 104 12.82 15.13 12.09
CA GLY A 104 11.68 15.73 11.44
C GLY A 104 10.38 15.14 11.94
N ILE A 105 10.35 13.81 12.13
CA ILE A 105 9.11 13.20 12.56
C ILE A 105 8.74 13.72 13.94
N MET A 106 9.74 13.90 14.82
CA MET A 106 9.44 14.31 16.18
C MET A 106 8.95 15.74 16.22
N ARG A 107 9.21 16.52 15.17
CA ARG A 107 8.67 17.86 15.12
C ARG A 107 7.32 17.91 14.42
N GLU A 108 7.12 17.09 13.41
CA GLU A 108 6.05 17.33 12.47
C GLU A 108 5.09 16.16 12.35
N GLY A 109 5.43 15.02 12.92
CA GLY A 109 4.68 13.82 12.72
C GLY A 109 5.11 13.13 11.44
N ILE A 110 4.39 12.08 11.10
CA ILE A 110 4.65 11.34 9.88
C ILE A 110 3.76 11.88 8.78
N LYS A 111 4.38 12.39 7.71
CA LYS A 111 3.67 12.86 6.54
C LYS A 111 3.80 11.87 5.38
N PRO A 112 2.82 11.86 4.48
CA PRO A 112 2.88 10.92 3.35
C PRO A 112 3.75 11.42 2.21
N MET A 113 4.05 10.49 1.31
CA MET A 113 4.51 10.84 -0.02
C MET A 113 3.38 11.55 -0.77
N LYS A 114 3.73 12.54 -1.59
CA LYS A 114 2.74 13.19 -2.45
C LYS A 114 1.40 13.50 -1.79
N ARG A 115 1.42 13.86 -0.51
CA ARG A 115 0.22 14.21 0.25
C ARG A 115 -0.86 13.11 0.21
N GLN A 116 -0.48 11.89 -0.17
CA GLN A 116 -1.42 10.78 -0.22
C GLN A 116 -1.68 10.18 1.17
N TYR A 117 -1.28 8.94 1.40
CA TYR A 117 -1.46 8.29 2.68
C TYR A 117 -0.11 7.85 3.23
N VAL A 118 -0.03 7.87 4.54
CA VAL A 118 1.04 7.23 5.30
C VAL A 118 0.73 5.75 5.37
N HIS A 119 1.77 4.92 5.16
CA HIS A 119 1.63 3.48 5.24
C HIS A 119 2.07 3.02 6.63
N LEU A 120 1.22 2.21 7.27
CA LEU A 120 1.47 1.57 8.55
C LEU A 120 1.31 0.07 8.39
N SER A 121 1.81 -0.69 9.35
CA SER A 121 1.65 -2.14 9.37
C SER A 121 1.05 -2.60 10.69
N ILE A 122 0.30 -3.70 10.63
CA ILE A 122 -0.14 -4.34 11.87
C ILE A 122 0.99 -5.11 12.53
N ASN A 123 2.11 -5.29 11.82
CA ASN A 123 3.17 -6.21 12.19
C ASN A 123 4.51 -5.47 12.25
N TYR A 124 5.23 -5.64 13.36
CA TYR A 124 6.54 -5.00 13.52
C TYR A 124 7.52 -5.45 12.43
N GLU A 125 7.56 -6.75 12.13
CA GLU A 125 8.54 -7.24 11.16
C GLU A 125 8.29 -6.65 9.77
N ASP A 126 7.02 -6.50 9.39
CA ASP A 126 6.70 -5.91 8.10
C ASP A 126 7.13 -4.45 8.04
N ALA A 127 6.90 -3.72 9.14
CA ALA A 127 7.35 -2.34 9.23
C ALA A 127 8.86 -2.24 9.12
N TYR A 128 9.59 -3.11 9.82
CA TYR A 128 11.04 -3.10 9.71
C TYR A 128 11.49 -3.30 8.27
N ASN A 129 10.93 -4.32 7.60
CA ASN A 129 11.34 -4.63 6.24
C ASN A 129 11.01 -3.50 5.28
N THR A 130 9.89 -2.82 5.51
CA THR A 130 9.54 -1.66 4.71
C THR A 130 10.54 -0.53 4.92
N GLY A 131 10.90 -0.28 6.17
CA GLY A 131 11.89 0.75 6.45
C GLY A 131 13.23 0.47 5.80
N MET A 132 13.59 -0.81 5.67
CA MET A 132 14.87 -1.13 5.02
C MET A 132 14.94 -0.62 3.58
N ARG A 133 13.80 -0.34 2.97
CA ARG A 133 13.81 0.16 1.59
C ARG A 133 14.42 1.55 1.49
N HIS A 134 14.57 2.26 2.62
CA HIS A 134 15.05 3.62 2.62
C HIS A 134 16.40 3.79 3.29
N GLY A 135 17.04 2.69 3.68
CA GLY A 135 18.34 2.76 4.30
C GLY A 135 18.56 1.55 5.19
N GLU A 136 19.78 1.45 5.72
CA GLU A 136 20.10 0.32 6.56
C GLU A 136 19.81 0.57 8.03
N ASP A 137 19.79 1.84 8.46
CA ASP A 137 19.67 2.14 9.89
C ASP A 137 18.19 2.37 10.21
N VAL A 138 17.46 1.28 10.26
CA VAL A 138 16.01 1.30 10.38
C VAL A 138 15.61 1.43 11.84
N VAL A 139 14.56 2.20 12.08
CA VAL A 139 13.86 2.19 13.36
C VAL A 139 12.38 1.99 13.07
N VAL A 140 11.67 1.40 14.02
CA VAL A 140 10.23 1.18 13.86
C VAL A 140 9.50 2.00 14.92
N LEU A 141 8.58 2.85 14.48
CA LEU A 141 7.76 3.63 15.39
C LEU A 141 6.50 2.85 15.76
N ILE A 142 6.17 2.89 17.05
CA ILE A 142 4.91 2.35 17.57
C ILE A 142 3.88 3.46 17.55
N ILE A 143 2.73 3.18 16.93
CA ILE A 143 1.66 4.15 16.71
C ILE A 143 0.45 3.72 17.51
N ASP A 144 -0.09 4.65 18.29
CA ASP A 144 -1.31 4.44 19.06
C ASP A 144 -2.49 4.70 18.13
N ALA A 145 -3.08 3.62 17.61
CA ALA A 145 -4.15 3.74 16.63
C ALA A 145 -5.42 4.31 17.25
N GLU A 146 -5.68 4.03 18.52
CA GLU A 146 -6.87 4.60 19.14
C GLU A 146 -6.74 6.11 19.23
N CYS A 147 -5.54 6.61 19.51
CA CYS A 147 -5.40 8.05 19.62
C CYS A 147 -5.48 8.68 18.24
N LEU A 148 -5.01 7.99 17.19
CA LEU A 148 -5.24 8.46 15.82
C LEU A 148 -6.74 8.63 15.55
N ARG A 149 -7.52 7.59 15.82
CA ARG A 149 -8.96 7.67 15.57
C ARG A 149 -9.59 8.79 16.37
N ASN A 150 -9.18 8.94 17.63
CA ASN A 150 -9.79 9.95 18.48
C ASN A 150 -9.49 11.35 17.99
N LYS A 151 -8.42 11.53 17.22
CA LYS A 151 -8.16 12.82 16.59
C LYS A 151 -8.93 13.01 15.30
N GLY A 152 -9.67 12.01 14.85
CA GLY A 152 -10.46 12.11 13.64
C GLY A 152 -9.87 11.45 12.41
N TYR A 153 -8.80 10.68 12.54
CA TYR A 153 -8.21 10.01 11.39
C TYR A 153 -8.83 8.62 11.23
N LYS A 154 -9.29 8.32 10.03
CA LYS A 154 -9.74 6.97 9.71
C LYS A 154 -8.54 6.16 9.23
N ILE A 155 -8.38 4.97 9.79
CA ILE A 155 -7.33 4.04 9.40
C ILE A 155 -7.98 2.99 8.50
N LEU A 156 -7.45 2.81 7.30
CA LEU A 156 -8.10 1.92 6.34
C LEU A 156 -7.29 0.64 6.12
N LYS A 157 -8.02 -0.45 5.87
CA LYS A 157 -7.42 -1.76 5.59
C LYS A 157 -7.05 -1.82 4.12
N ALA A 158 -5.80 -1.55 3.80
CA ALA A 158 -5.37 -1.56 2.40
C ALA A 158 -4.87 -2.92 1.96
N GLY A 159 -4.20 -3.66 2.84
CA GLY A 159 -3.78 -5.01 2.53
C GLY A 159 -4.03 -5.92 3.72
N LYS A 160 -3.59 -7.17 3.63
CA LYS A 160 -3.71 -8.07 4.78
C LYS A 160 -3.01 -7.51 6.01
N LYS A 161 -1.88 -6.84 5.81
CA LYS A 161 -1.15 -6.23 6.92
C LYS A 161 -1.00 -4.71 6.79
N VAL A 162 -1.05 -4.17 5.57
CA VAL A 162 -0.88 -2.74 5.35
C VAL A 162 -2.13 -1.98 5.80
N ARG A 163 -1.91 -0.86 6.50
CA ARG A 163 -2.96 0.06 6.87
C ARG A 163 -2.56 1.45 6.38
N ILE A 164 -3.53 2.26 5.97
CA ILE A 164 -3.21 3.59 5.46
C ILE A 164 -3.97 4.64 6.26
N VAL A 165 -3.34 5.78 6.47
CA VAL A 165 -3.92 6.88 7.23
C VAL A 165 -3.36 8.18 6.66
N LYS A 166 -4.13 9.27 6.76
CA LYS A 166 -3.71 10.50 6.07
C LYS A 166 -2.45 11.10 6.70
N HIS A 167 -2.27 10.97 8.01
CA HIS A 167 -1.21 11.64 8.74
C HIS A 167 -1.12 11.00 10.12
N VAL A 168 0.07 10.98 10.70
CA VAL A 168 0.23 10.57 12.09
C VAL A 168 0.81 11.72 12.91
N PRO A 169 0.03 12.38 13.75
CA PRO A 169 0.60 13.42 14.64
C PRO A 169 1.62 12.86 15.61
N VAL A 170 2.56 13.71 16.03
N VAL A 170 2.55 13.71 16.06
CA VAL A 170 3.61 13.32 16.98
CA VAL A 170 3.61 13.26 16.96
C VAL A 170 2.99 12.67 18.21
C VAL A 170 3.01 12.67 18.24
N ASP A 171 1.90 13.25 18.71
CA ASP A 171 1.24 12.79 19.93
C ASP A 171 0.81 11.34 19.86
N CYS A 172 0.61 10.78 18.66
CA CYS A 172 0.24 9.37 18.55
C CYS A 172 1.40 8.41 18.38
N ILE A 173 2.64 8.88 18.44
CA ILE A 173 3.80 8.01 18.39
C ILE A 173 4.16 7.63 19.83
N SER A 174 3.94 6.37 20.18
CA SER A 174 4.10 5.96 21.57
C SER A 174 5.44 5.31 21.88
N GLY A 175 6.26 4.99 20.88
CA GLY A 175 7.54 4.37 21.18
C GLY A 175 8.38 4.22 19.92
N ILE A 176 9.66 3.86 20.15
CA ILE A 176 10.62 3.58 19.08
C ILE A 176 11.27 2.23 19.37
N LEU A 177 11.28 1.36 18.38
CA LEU A 177 11.87 0.03 18.48
C LEU A 177 13.09 -0.12 17.57
PA NAP B . 11.24 -5.18 -2.24
O1A NAP B . 12.00 -4.08 -1.59
O2A NAP B . 10.69 -6.28 -1.41
O5B NAP B . 10.03 -4.53 -3.07
C5B NAP B . 10.26 -3.46 -4.01
C4B NAP B . 8.94 -3.15 -4.67
O4B NAP B . 8.51 -4.36 -5.37
C3B NAP B . 7.78 -2.79 -3.72
O3B NAP B . 6.93 -1.82 -4.33
C2B NAP B . 7.07 -4.13 -3.55
O2B NAP B . 5.69 -4.02 -3.25
C1B NAP B . 7.22 -4.72 -4.95
N9A NAP B . 7.08 -6.17 -4.95
C8A NAP B . 7.89 -7.08 -4.31
N7A NAP B . 7.51 -8.32 -4.47
C5A NAP B . 6.37 -8.22 -5.27
C6A NAP B . 5.48 -9.18 -5.78
N6A NAP B . 5.61 -10.50 -5.58
N1A NAP B . 4.45 -8.74 -6.54
C2A NAP B . 4.31 -7.44 -6.75
N3A NAP B . 5.08 -6.44 -6.31
C4A NAP B . 6.10 -6.90 -5.57
O3 NAP B . 12.15 -5.82 -3.40
PN NAP B . 12.16 -7.17 -4.27
O1N NAP B . 11.67 -8.30 -3.42
O2N NAP B . 13.52 -7.30 -4.87
O5D NAP B . 11.09 -6.87 -5.42
P2B NAP B . 5.12 -4.52 -1.81
O1X NAP B . 3.66 -4.81 -2.08
O2X NAP B . 5.89 -5.76 -1.40
O3X NAP B . 5.30 -3.38 -0.83
CL CL C . 19.36 6.78 8.97
CL CL D . 9.04 0.67 -2.84
#